data_3W6E
#
_entry.id   3W6E
#
_cell.length_a   99.913
_cell.length_b   99.913
_cell.length_c   241.135
_cell.angle_alpha   90.000
_cell.angle_beta   90.000
_cell.angle_gamma   120.000
#
_symmetry.space_group_name_H-M   'P 61 2 2'
#
loop_
_entity.id
_entity.type
_entity.pdbx_description
1 polymer 'Lysozyme-like chitinolytic enzyme'
2 non-polymer '4-(2-HYDROXYETHYL)-1-PIPERAZINE ETHANESULFONIC ACID'
3 non-polymer 2-AMINO-2-HYDROXYMETHYL-PROPANE-1,3-DIOL
4 water water
#
_entity_poly.entity_id   1
_entity_poly.type   'polypeptide(L)'
_entity_poly.pdbx_seq_one_letter_code
;MNHKVHHHHHHIEGRHMGTTPSDPPTNPPTTVTKPAEVPSRIWTYVMNADNAYGKGGDFALLLSAVIKKESYFGDGLSGS
PSAGDGLMQVQPNTRNAYLSQFSAKYGHAYNHSSEQDQVYMGSLILNEKIVRFGSIYSGLLHYNGGDYWYPGATDSYGRP
ILADQYANTVYAQYKSYGGRYSR
;
_entity_poly.pdbx_strand_id   A,B,C,D
#
loop_
_chem_comp.id
_chem_comp.type
_chem_comp.name
_chem_comp.formula
EPE non-polymer '4-(2-HYDROXYETHYL)-1-PIPERAZINE ETHANESULFONIC ACID' 'C8 H18 N2 O4 S'
TRS non-polymer 2-AMINO-2-HYDROXYMETHYL-PROPANE-1,3-DIOL 'C4 H12 N O3 1'
#
# COMPACT_ATOMS: atom_id res chain seq x y z
N PRO A 24 -16.15 -7.60 17.63
CA PRO A 24 -16.17 -8.92 17.01
C PRO A 24 -14.84 -9.21 16.29
N PRO A 25 -14.03 -10.15 16.82
CA PRO A 25 -12.68 -10.40 16.32
C PRO A 25 -12.70 -10.89 14.87
N THR A 26 -11.75 -10.40 14.07
CA THR A 26 -11.71 -10.73 12.65
C THR A 26 -10.45 -11.50 12.25
N ASN A 27 -10.56 -12.24 11.15
CA ASN A 27 -9.42 -12.88 10.49
C ASN A 27 -9.21 -12.24 9.11
N PRO A 28 -8.10 -11.50 8.93
CA PRO A 28 -7.04 -11.16 9.88
C PRO A 28 -7.47 -10.05 10.86
N PRO A 29 -6.66 -9.77 11.90
CA PRO A 29 -7.01 -8.77 12.91
C PRO A 29 -7.04 -7.32 12.39
N THR A 30 -6.42 -7.07 11.24
CA THR A 30 -6.24 -5.71 10.72
C THR A 30 -7.49 -5.13 10.06
N THR A 31 -8.47 -5.99 9.82
CA THR A 31 -9.73 -5.57 9.19
C THR A 31 -10.29 -4.34 9.90
N VAL A 32 -10.41 -3.25 9.14
CA VAL A 32 -10.98 -1.99 9.64
C VAL A 32 -12.49 -2.15 9.83
N THR A 33 -12.97 -1.70 10.98
CA THR A 33 -14.38 -1.86 11.36
C THR A 33 -15.23 -0.73 10.76
N LYS A 34 -16.36 -1.09 10.17
CA LYS A 34 -17.30 -0.13 9.64
C LYS A 34 -17.79 0.79 10.76
N PRO A 35 -17.71 2.11 10.55
CA PRO A 35 -18.35 3.02 11.50
C PRO A 35 -19.85 2.73 11.56
N ALA A 36 -20.43 2.81 12.75
CA ALA A 36 -21.83 2.44 12.95
C ALA A 36 -22.78 3.21 12.02
N GLU A 37 -22.54 4.51 11.87
CA GLU A 37 -23.41 5.38 11.06
C GLU A 37 -23.29 5.21 9.53
N VAL A 38 -22.22 4.54 9.08
CA VAL A 38 -22.07 4.26 7.64
C VAL A 38 -22.93 3.06 7.23
N PRO A 39 -23.90 3.27 6.31
CA PRO A 39 -24.75 2.14 5.91
C PRO A 39 -23.91 1.03 5.28
N SER A 40 -24.28 -0.22 5.53
CA SER A 40 -23.46 -1.36 5.11
C SER A 40 -23.31 -1.46 3.59
N ARG A 41 -24.32 -1.02 2.83
CA ARG A 41 -24.19 -1.00 1.37
C ARG A 41 -23.04 -0.07 0.94
N ILE A 42 -22.95 1.09 1.58
CA ILE A 42 -21.86 2.05 1.31
C ILE A 42 -20.48 1.48 1.70
N TRP A 43 -20.40 0.87 2.88
CA TRP A 43 -19.14 0.25 3.33
C TRP A 43 -18.59 -0.71 2.28
N THR A 44 -19.45 -1.55 1.71
CA THR A 44 -19.04 -2.50 0.68
C THR A 44 -18.51 -1.79 -0.57
N TYR A 45 -19.17 -0.71 -0.99
CA TYR A 45 -18.66 0.09 -2.10
C TYR A 45 -17.24 0.62 -1.84
N VAL A 46 -17.04 1.24 -0.67
CA VAL A 46 -15.77 1.91 -0.37
C VAL A 46 -14.65 0.93 -0.05
N MET A 47 -14.99 -0.23 0.50
CA MET A 47 -14.01 -1.29 0.74
C MET A 47 -13.47 -1.86 -0.56
N ASN A 48 -14.37 -2.08 -1.53
CA ASN A 48 -13.96 -2.50 -2.86
C ASN A 48 -13.02 -1.48 -3.52
N ALA A 49 -13.34 -0.20 -3.38
CA ALA A 49 -12.47 0.88 -3.85
C ALA A 49 -11.13 0.87 -3.11
N ASP A 50 -11.18 0.73 -1.79
CA ASP A 50 -9.98 0.63 -0.97
C ASP A 50 -9.07 -0.52 -1.46
N ASN A 51 -9.66 -1.69 -1.68
CA ASN A 51 -8.93 -2.84 -2.25
C ASN A 51 -8.20 -2.51 -3.55
N ALA A 52 -8.88 -1.79 -4.45
CA ALA A 52 -8.30 -1.40 -5.74
C ALA A 52 -7.07 -0.51 -5.62
N TYR A 53 -6.95 0.23 -4.51
CA TYR A 53 -5.81 1.12 -4.27
C TYR A 53 -4.85 0.62 -3.18
N GLY A 54 -5.09 -0.59 -2.67
CA GLY A 54 -4.25 -1.21 -1.63
C GLY A 54 -4.03 -0.30 -0.45
N LYS A 55 -5.11 0.08 0.23
CA LYS A 55 -5.03 1.08 1.29
C LYS A 55 -5.33 0.55 2.69
N GLY A 56 -5.41 -0.77 2.80
CA GLY A 56 -5.63 -1.44 4.09
C GLY A 56 -6.87 -1.00 4.87
N GLY A 57 -7.87 -0.49 4.16
CA GLY A 57 -9.11 -0.05 4.80
C GLY A 57 -9.17 1.42 5.18
N ASP A 58 -8.03 2.09 5.15
CA ASP A 58 -7.99 3.52 5.52
C ASP A 58 -8.70 4.44 4.52
N PHE A 59 -8.51 4.16 3.23
CA PHE A 59 -9.17 4.94 2.17
C PHE A 59 -10.69 4.78 2.25
N ALA A 60 -11.14 3.60 2.67
CA ALA A 60 -12.56 3.32 2.87
C ALA A 60 -13.18 4.25 3.92
N LEU A 61 -12.44 4.49 5.01
CA LEU A 61 -12.84 5.47 6.02
C LEU A 61 -12.93 6.89 5.43
N LEU A 62 -11.93 7.30 4.67
CA LEU A 62 -11.93 8.60 4.01
C LEU A 62 -13.09 8.73 3.03
N LEU A 63 -13.30 7.70 2.22
CA LEU A 63 -14.38 7.68 1.24
C LEU A 63 -15.76 7.74 1.90
N SER A 64 -15.90 7.07 3.05
CA SER A 64 -17.13 7.13 3.83
C SER A 64 -17.45 8.55 4.26
N ALA A 65 -16.43 9.28 4.71
CA ALA A 65 -16.57 10.68 5.10
C ALA A 65 -17.00 11.55 3.93
N VAL A 66 -16.34 11.36 2.78
CA VAL A 66 -16.68 12.10 1.55
C VAL A 66 -18.13 11.87 1.13
N ILE A 67 -18.53 10.60 1.05
CA ILE A 67 -19.89 10.24 0.64
C ILE A 67 -20.95 10.82 1.60
N LYS A 68 -20.64 10.83 2.90
CA LYS A 68 -21.54 11.44 3.89
C LYS A 68 -21.78 12.92 3.60
N LYS A 69 -20.72 13.64 3.22
CA LYS A 69 -20.79 15.07 2.93
C LYS A 69 -21.45 15.36 1.58
N GLU A 70 -21.04 14.62 0.54
CA GLU A 70 -21.49 14.85 -0.84
C GLU A 70 -22.98 14.60 -1.04
N SER A 71 -23.38 13.38 -0.75
CA SER A 71 -24.78 13.00 -0.69
C SER A 71 -24.91 12.74 0.79
N TYR A 72 -26.00 12.15 1.26
CA TYR A 72 -25.96 11.66 2.64
C TYR A 72 -26.13 10.15 2.54
N PHE A 73 -25.14 9.52 1.91
CA PHE A 73 -25.19 8.11 1.52
C PHE A 73 -26.32 7.86 0.51
N GLY A 74 -26.70 8.91 -0.21
CA GLY A 74 -27.78 8.84 -1.19
C GLY A 74 -29.09 9.42 -0.67
N ASP A 75 -29.17 9.59 0.66
CA ASP A 75 -30.38 10.12 1.30
C ASP A 75 -30.50 11.64 1.20
N GLY A 76 -29.38 12.32 0.98
CA GLY A 76 -29.34 13.77 1.05
C GLY A 76 -29.38 14.49 -0.28
N LEU A 77 -29.88 13.81 -1.31
CA LEU A 77 -29.86 14.35 -2.68
C LEU A 77 -31.17 14.96 -3.16
N SER A 78 -32.30 14.44 -2.70
CA SER A 78 -33.61 14.95 -3.12
C SER A 78 -33.66 16.46 -3.06
N GLY A 79 -34.05 17.08 -4.17
CA GLY A 79 -34.18 18.53 -4.23
C GLY A 79 -32.94 19.29 -4.68
N SER A 80 -31.79 18.62 -4.66
CA SER A 80 -30.54 19.21 -5.15
C SER A 80 -30.53 19.24 -6.68
N PRO A 81 -30.04 20.34 -7.27
CA PRO A 81 -29.95 20.38 -8.73
C PRO A 81 -28.90 19.41 -9.29
N SER A 82 -27.97 18.97 -8.43
CA SER A 82 -26.93 18.03 -8.84
C SER A 82 -27.20 16.61 -8.32
N ALA A 83 -28.47 16.34 -7.98
CA ALA A 83 -28.89 15.05 -7.47
C ALA A 83 -28.49 13.89 -8.40
N GLY A 84 -28.65 14.07 -9.70
CA GLY A 84 -28.35 13.04 -10.69
C GLY A 84 -26.88 12.64 -10.78
N ASP A 85 -26.01 13.39 -10.11
CA ASP A 85 -24.57 13.10 -10.11
C ASP A 85 -24.17 11.98 -9.15
N GLY A 86 -25.13 11.50 -8.35
CA GLY A 86 -24.91 10.32 -7.52
C GLY A 86 -24.04 10.51 -6.28
N LEU A 87 -23.57 9.39 -5.76
CA LEU A 87 -23.00 9.30 -4.40
C LEU A 87 -21.82 10.23 -4.08
N MET A 88 -20.96 10.46 -5.07
CA MET A 88 -19.77 11.27 -4.85
C MET A 88 -19.80 12.59 -5.64
N GLN A 89 -20.95 12.86 -6.23
CA GLN A 89 -21.26 14.16 -6.86
C GLN A 89 -20.26 14.55 -7.95
N VAL A 90 -19.80 13.55 -8.70
CA VAL A 90 -18.94 13.80 -9.84
C VAL A 90 -19.80 14.37 -10.98
N GLN A 91 -19.44 15.56 -11.45
CA GLN A 91 -20.21 16.27 -12.48
C GLN A 91 -20.11 15.55 -13.83
N PRO A 92 -21.15 15.65 -14.69
CA PRO A 92 -21.18 14.92 -15.97
C PRO A 92 -19.90 15.10 -16.81
N ASN A 93 -19.42 16.33 -16.94
CA ASN A 93 -18.20 16.62 -17.71
C ASN A 93 -16.95 16.00 -17.13
N THR A 94 -16.92 15.83 -15.80
CA THR A 94 -15.79 15.21 -15.11
C THR A 94 -15.80 13.70 -15.31
N ARG A 95 -16.98 13.09 -15.18
CA ARG A 95 -17.17 11.66 -15.41
C ARG A 95 -16.71 11.31 -16.83
N ASN A 96 -17.13 12.13 -17.79
CA ASN A 96 -16.74 12.01 -19.18
C ASN A 96 -15.22 12.05 -19.40
N ALA A 97 -14.57 13.04 -18.78
CA ALA A 97 -13.13 13.21 -18.89
C ALA A 97 -12.36 11.96 -18.44
N TYR A 98 -12.91 11.26 -17.45
CA TYR A 98 -12.20 10.15 -16.82
C TYR A 98 -12.63 8.75 -17.30
N LEU A 99 -13.44 8.69 -18.35
CA LEU A 99 -13.98 7.40 -18.82
C LEU A 99 -12.90 6.35 -19.15
N SER A 100 -11.93 6.71 -20.01
CA SER A 100 -10.89 5.76 -20.41
C SER A 100 -10.05 5.29 -19.22
N GLN A 101 -9.73 6.23 -18.33
CA GLN A 101 -8.95 5.91 -17.14
C GLN A 101 -9.71 5.00 -16.18
N PHE A 102 -11.00 5.24 -16.03
CA PHE A 102 -11.85 4.37 -15.24
C PHE A 102 -11.81 2.93 -15.75
N SER A 103 -11.94 2.78 -17.07
CA SER A 103 -11.98 1.46 -17.69
C SER A 103 -10.66 0.74 -17.50
N ALA A 104 -9.55 1.48 -17.60
CA ALA A 104 -8.22 0.91 -17.42
C ALA A 104 -7.97 0.47 -15.98
N LYS A 105 -8.41 1.29 -15.03
CA LYS A 105 -8.24 0.97 -13.61
C LYS A 105 -9.12 -0.18 -13.14
N TYR A 106 -10.37 -0.22 -13.63
CA TYR A 106 -11.37 -1.13 -13.07
C TYR A 106 -11.76 -2.32 -13.95
N GLY A 107 -11.43 -2.25 -15.25
CA GLY A 107 -11.64 -3.37 -16.16
C GLY A 107 -12.97 -3.38 -16.90
N HIS A 108 -13.81 -2.39 -16.64
CA HIS A 108 -15.11 -2.25 -17.31
C HIS A 108 -15.50 -0.80 -17.49
N ALA A 109 -16.36 -0.55 -18.47
CA ALA A 109 -16.86 0.79 -18.76
C ALA A 109 -17.68 1.33 -17.60
N TYR A 110 -17.50 2.61 -17.30
CA TYR A 110 -18.26 3.27 -16.23
C TYR A 110 -19.76 3.23 -16.53
N ASN A 111 -20.51 2.75 -15.54
CA ASN A 111 -21.96 2.67 -15.60
C ASN A 111 -22.52 3.54 -14.49
N HIS A 112 -23.01 4.72 -14.85
CA HIS A 112 -23.50 5.70 -13.88
C HIS A 112 -24.68 5.19 -13.02
N SER A 113 -25.42 4.20 -13.53
CA SER A 113 -26.54 3.63 -12.79
C SER A 113 -26.07 2.70 -11.66
N SER A 114 -24.80 2.30 -11.71
CA SER A 114 -24.19 1.46 -10.68
C SER A 114 -23.59 2.32 -9.58
N GLU A 115 -24.10 2.17 -8.35
CA GLU A 115 -23.57 2.93 -7.21
C GLU A 115 -22.12 2.55 -6.89
N GLN A 116 -21.76 1.29 -7.13
CA GLN A 116 -20.37 0.83 -6.96
C GLN A 116 -19.45 1.60 -7.91
N ASP A 117 -19.85 1.72 -9.18
CA ASP A 117 -19.10 2.49 -10.17
C ASP A 117 -18.99 3.97 -9.81
N GLN A 118 -20.09 4.55 -9.32
CA GLN A 118 -20.08 5.95 -8.89
C GLN A 118 -18.96 6.17 -7.88
N VAL A 119 -18.87 5.25 -6.91
CA VAL A 119 -17.86 5.28 -5.86
C VAL A 119 -16.46 5.01 -6.43
N TYR A 120 -16.34 4.03 -7.34
CA TYR A 120 -15.08 3.77 -8.05
C TYR A 120 -14.57 5.03 -8.79
N MET A 121 -15.49 5.72 -9.46
CA MET A 121 -15.16 6.92 -10.24
C MET A 121 -14.73 8.06 -9.32
N GLY A 122 -15.54 8.36 -8.31
CA GLY A 122 -15.21 9.38 -7.33
C GLY A 122 -13.89 9.12 -6.65
N SER A 123 -13.66 7.86 -6.25
CA SER A 123 -12.44 7.49 -5.54
C SER A 123 -11.19 7.56 -6.42
N LEU A 124 -11.35 7.25 -7.71
CA LEU A 124 -10.27 7.43 -8.67
C LEU A 124 -9.85 8.90 -8.79
N ILE A 125 -10.85 9.78 -8.83
CA ILE A 125 -10.61 11.22 -8.92
C ILE A 125 -9.96 11.74 -7.63
N LEU A 126 -10.49 11.31 -6.48
CA LEU A 126 -9.95 11.71 -5.18
C LEU A 126 -8.52 11.23 -4.99
N ASN A 127 -8.26 9.97 -5.33
CA ASN A 127 -6.91 9.44 -5.27
C ASN A 127 -5.96 10.27 -6.14
N GLU A 128 -6.41 10.61 -7.34
CA GLU A 128 -5.66 11.47 -8.24
C GLU A 128 -5.24 12.78 -7.55
N LYS A 129 -6.20 13.46 -6.93
CA LYS A 129 -5.93 14.72 -6.24
C LYS A 129 -4.93 14.55 -5.10
N ILE A 130 -5.14 13.55 -4.26
CA ILE A 130 -4.26 13.28 -3.12
C ILE A 130 -2.83 12.98 -3.59
N VAL A 131 -2.69 12.15 -4.63
CA VAL A 131 -1.38 11.81 -5.18
C VAL A 131 -0.74 13.04 -5.84
N ARG A 132 -1.52 13.73 -6.67
CA ARG A 132 -1.04 14.88 -7.42
C ARG A 132 -0.60 16.03 -6.50
N PHE A 133 -1.44 16.39 -5.54
CA PHE A 133 -1.15 17.51 -4.65
C PHE A 133 -0.36 17.15 -3.40
N GLY A 134 -0.28 15.86 -3.10
CA GLY A 134 0.63 15.36 -2.05
C GLY A 134 0.12 15.21 -0.64
N SER A 135 -1.18 15.51 -0.41
CA SER A 135 -1.77 15.35 0.92
C SER A 135 -3.29 15.09 0.90
N ILE A 136 -3.78 14.47 1.98
CA ILE A 136 -5.20 14.23 2.16
C ILE A 136 -5.99 15.54 2.14
N TYR A 137 -5.54 16.53 2.90
CA TYR A 137 -6.22 17.82 3.01
C TYR A 137 -6.40 18.53 1.66
N SER A 138 -5.32 18.62 0.88
CA SER A 138 -5.38 19.23 -0.45
C SER A 138 -6.22 18.41 -1.43
N GLY A 139 -6.16 17.09 -1.31
CA GLY A 139 -7.01 16.19 -2.10
C GLY A 139 -8.46 16.54 -1.92
N LEU A 140 -8.89 16.65 -0.66
CA LEU A 140 -10.26 16.99 -0.31
C LEU A 140 -10.65 18.39 -0.79
N LEU A 141 -9.81 19.39 -0.50
CA LEU A 141 -10.07 20.77 -0.93
C LEU A 141 -10.28 20.84 -2.43
N HIS A 142 -9.32 20.27 -3.17
CA HIS A 142 -9.40 20.27 -4.63
C HIS A 142 -10.47 19.31 -5.17
N TYR A 143 -10.82 18.26 -4.42
CA TYR A 143 -11.93 17.40 -4.84
C TYR A 143 -13.24 18.19 -4.82
N ASN A 144 -13.39 19.08 -3.84
CA ASN A 144 -14.60 19.89 -3.75
C ASN A 144 -14.62 21.10 -4.71
N GLY A 145 -13.51 21.82 -4.81
CA GLY A 145 -13.47 23.06 -5.57
C GLY A 145 -12.78 23.03 -6.94
N GLY A 146 -12.18 21.89 -7.28
CA GLY A 146 -11.34 21.81 -8.47
C GLY A 146 -9.95 22.35 -8.17
N ASP A 147 -9.12 22.46 -9.21
CA ASP A 147 -7.71 22.83 -9.04
C ASP A 147 -7.49 24.34 -8.92
N TYR A 148 -8.54 25.12 -9.18
CA TYR A 148 -8.43 26.58 -9.31
C TYR A 148 -9.39 27.32 -8.38
N TRP A 149 -9.71 26.68 -7.26
CA TRP A 149 -10.65 27.23 -6.29
C TRP A 149 -10.15 28.51 -5.64
N TYR A 150 -11.08 29.41 -5.35
CA TYR A 150 -10.80 30.60 -4.55
C TYR A 150 -12.00 30.86 -3.63
N PRO A 151 -11.77 31.50 -2.47
CA PRO A 151 -12.88 31.92 -1.62
C PRO A 151 -13.89 32.75 -2.40
N GLY A 152 -15.17 32.38 -2.26
CA GLY A 152 -16.25 33.07 -2.96
C GLY A 152 -16.59 32.45 -4.31
N ALA A 153 -15.86 31.40 -4.69
CA ALA A 153 -16.13 30.70 -5.96
C ALA A 153 -17.50 30.04 -5.99
N THR A 154 -17.94 29.71 -7.20
CA THR A 154 -19.32 29.31 -7.48
C THR A 154 -19.33 28.15 -8.46
N ASP A 155 -20.17 27.15 -8.22
CA ASP A 155 -20.32 26.04 -9.18
C ASP A 155 -21.32 26.40 -10.28
N SER A 156 -21.49 25.50 -11.24
CA SER A 156 -22.36 25.73 -12.39
C SER A 156 -23.78 26.19 -12.00
N TYR A 157 -24.26 25.75 -10.85
CA TYR A 157 -25.62 26.08 -10.39
C TYR A 157 -25.68 27.37 -9.59
N GLY A 158 -24.53 28.01 -9.40
CA GLY A 158 -24.47 29.25 -8.63
C GLY A 158 -24.45 29.02 -7.14
N ARG A 159 -24.01 27.82 -6.73
CA ARG A 159 -23.88 27.48 -5.32
C ARG A 159 -22.47 27.81 -4.85
N PRO A 160 -22.36 28.48 -3.69
CA PRO A 160 -21.04 28.76 -3.11
C PRO A 160 -20.27 27.49 -2.81
N ILE A 161 -19.03 27.42 -3.29
CA ILE A 161 -18.14 26.29 -3.00
C ILE A 161 -17.25 26.67 -1.82
N LEU A 162 -17.47 25.99 -0.70
CA LEU A 162 -16.74 26.25 0.54
C LEU A 162 -15.64 25.21 0.72
N ALA A 163 -14.73 25.14 -0.24
CA ALA A 163 -13.71 24.08 -0.32
C ALA A 163 -12.89 23.89 0.96
N ASP A 164 -12.52 25.00 1.60
CA ASP A 164 -11.76 24.94 2.84
C ASP A 164 -12.54 24.30 3.99
N GLN A 165 -13.80 24.71 4.16
CA GLN A 165 -14.68 24.13 5.18
C GLN A 165 -14.97 22.65 4.92
N TYR A 166 -15.15 22.32 3.64
CA TYR A 166 -15.34 20.95 3.19
C TYR A 166 -14.12 20.10 3.59
N ALA A 167 -12.93 20.57 3.23
CA ALA A 167 -11.71 19.87 3.59
C ALA A 167 -11.59 19.72 5.11
N ASN A 168 -11.91 20.78 5.86
CA ASN A 168 -11.91 20.74 7.32
C ASN A 168 -12.91 19.73 7.90
N THR A 169 -14.16 19.80 7.42
CA THR A 169 -15.24 18.90 7.84
C THR A 169 -14.93 17.43 7.55
N VAL A 170 -14.64 17.15 6.29
CA VAL A 170 -14.40 15.78 5.84
C VAL A 170 -13.15 15.16 6.49
N TYR A 171 -12.08 15.96 6.63
CA TYR A 171 -10.86 15.49 7.31
C TYR A 171 -11.13 15.13 8.76
N ALA A 172 -11.84 16.00 9.47
CA ALA A 172 -12.23 15.73 10.86
C ALA A 172 -13.05 14.45 10.95
N GLN A 173 -14.04 14.32 10.07
CA GLN A 173 -14.86 13.11 10.00
C GLN A 173 -14.03 11.84 9.73
N TYR A 174 -13.09 11.94 8.80
CA TYR A 174 -12.16 10.85 8.52
C TYR A 174 -11.37 10.46 9.78
N LYS A 175 -10.84 11.45 10.48
CA LYS A 175 -10.15 11.22 11.76
C LYS A 175 -11.08 10.59 12.81
N SER A 176 -12.28 11.14 12.94
CA SER A 176 -13.28 10.62 13.87
C SER A 176 -13.62 9.16 13.57
N TYR A 177 -13.61 8.80 12.29
CA TYR A 177 -13.84 7.42 11.86
C TYR A 177 -12.67 6.48 12.17
N GLY A 178 -11.55 7.05 12.62
CA GLY A 178 -10.36 6.25 12.95
C GLY A 178 -9.33 6.18 11.84
N GLY A 179 -9.31 7.19 10.99
CA GLY A 179 -8.32 7.30 9.92
C GLY A 179 -6.92 7.45 10.50
N ARG A 180 -5.96 6.73 9.94
CA ARG A 180 -4.62 6.63 10.54
C ARG A 180 -3.60 7.64 10.02
N TYR A 181 -3.86 8.21 8.86
CA TYR A 181 -2.97 9.24 8.30
C TYR A 181 -3.57 10.63 8.47
N VAL B 32 13.10 -4.66 -8.74
CA VAL B 32 12.52 -4.89 -7.37
C VAL B 32 13.15 -3.98 -6.33
N THR B 33 12.34 -3.03 -5.85
CA THR B 33 12.75 -2.13 -4.77
C THR B 33 11.72 -2.15 -3.65
N LYS B 34 12.14 -1.80 -2.44
CA LYS B 34 11.27 -1.77 -1.28
C LYS B 34 10.15 -0.74 -1.45
N PRO B 35 8.88 -1.17 -1.34
CA PRO B 35 7.78 -0.21 -1.29
C PRO B 35 7.94 0.72 -0.09
N ALA B 36 7.63 1.99 -0.29
CA ALA B 36 7.86 3.04 0.71
C ALA B 36 7.26 2.75 2.08
N GLU B 37 6.07 2.16 2.10
CA GLU B 37 5.34 1.92 3.35
C GLU B 37 5.87 0.73 4.16
N VAL B 38 6.61 -0.16 3.51
CA VAL B 38 7.17 -1.33 4.17
C VAL B 38 8.37 -0.92 5.03
N PRO B 39 8.32 -1.15 6.35
CA PRO B 39 9.45 -0.81 7.24
C PRO B 39 10.72 -1.55 6.84
N SER B 40 11.88 -0.94 7.08
CA SER B 40 13.17 -1.51 6.70
C SER B 40 13.41 -2.92 7.25
N ARG B 41 13.09 -3.12 8.53
CA ARG B 41 13.39 -4.39 9.17
C ARG B 41 12.58 -5.53 8.53
N ILE B 42 11.32 -5.22 8.19
CA ILE B 42 10.42 -6.17 7.53
C ILE B 42 10.94 -6.53 6.15
N TRP B 43 11.37 -5.51 5.40
CA TRP B 43 11.89 -5.71 4.06
C TRP B 43 13.11 -6.64 4.05
N THR B 44 13.96 -6.49 5.07
CA THR B 44 15.11 -7.37 5.25
C THR B 44 14.66 -8.80 5.55
N TYR B 45 13.64 -8.96 6.40
CA TYR B 45 13.10 -10.29 6.67
C TYR B 45 12.59 -10.98 5.39
N VAL B 46 11.79 -10.25 4.61
CA VAL B 46 11.17 -10.81 3.40
C VAL B 46 12.16 -11.03 2.24
N MET B 47 13.19 -10.18 2.16
CA MET B 47 14.27 -10.39 1.20
C MET B 47 15.09 -11.63 1.55
N ASN B 48 15.36 -11.83 2.83
CA ASN B 48 16.02 -13.05 3.30
C ASN B 48 15.23 -14.30 2.93
N ALA B 49 13.91 -14.21 3.04
CA ALA B 49 13.03 -15.31 2.65
C ALA B 49 13.02 -15.48 1.14
N ASP B 50 12.97 -14.36 0.42
CA ASP B 50 12.98 -14.37 -1.03
C ASP B 50 14.27 -15.03 -1.55
N ASN B 51 15.41 -14.67 -0.95
CA ASN B 51 16.69 -15.32 -1.25
C ASN B 51 16.64 -16.84 -1.06
N ALA B 52 16.10 -17.29 0.06
CA ALA B 52 16.01 -18.72 0.38
C ALA B 52 15.27 -19.53 -0.69
N TYR B 53 14.32 -18.90 -1.37
CA TYR B 53 13.55 -19.58 -2.41
C TYR B 53 13.97 -19.17 -3.83
N GLY B 54 14.98 -18.29 -3.91
CA GLY B 54 15.54 -17.81 -5.18
C GLY B 54 14.52 -17.17 -6.09
N LYS B 55 13.79 -16.19 -5.56
CA LYS B 55 12.67 -15.62 -6.29
C LYS B 55 12.97 -14.24 -6.89
N GLY B 56 14.24 -13.84 -6.85
CA GLY B 56 14.71 -12.59 -7.45
C GLY B 56 14.01 -11.32 -7.00
N GLY B 57 13.51 -11.33 -5.77
CA GLY B 57 12.87 -10.14 -5.19
C GLY B 57 11.35 -10.12 -5.26
N ASP B 58 10.77 -10.95 -6.12
CA ASP B 58 9.34 -10.93 -6.38
C ASP B 58 8.51 -11.50 -5.22
N PHE B 59 9.03 -12.55 -4.58
CA PHE B 59 8.38 -13.16 -3.42
C PHE B 59 8.37 -12.19 -2.24
N ALA B 60 9.42 -11.38 -2.14
CA ALA B 60 9.50 -10.30 -1.15
C ALA B 60 8.33 -9.31 -1.27
N LEU B 61 7.90 -9.04 -2.50
CA LEU B 61 6.77 -8.14 -2.73
C LEU B 61 5.47 -8.80 -2.26
N LEU B 62 5.31 -10.09 -2.60
CA LEU B 62 4.15 -10.85 -2.15
C LEU B 62 4.11 -10.91 -0.62
N LEU B 63 5.24 -11.24 0.00
CA LEU B 63 5.33 -11.35 1.45
C LEU B 63 5.07 -10.03 2.18
N SER B 64 5.52 -8.92 1.59
CA SER B 64 5.21 -7.59 2.11
C SER B 64 3.69 -7.35 2.12
N ALA B 65 3.02 -7.72 1.03
CA ALA B 65 1.56 -7.63 0.95
C ALA B 65 0.87 -8.51 1.99
N VAL B 66 1.41 -9.73 2.20
CA VAL B 66 0.85 -10.66 3.18
C VAL B 66 0.99 -10.11 4.61
N ILE B 67 2.19 -9.67 4.96
CA ILE B 67 2.44 -9.13 6.31
C ILE B 67 1.58 -7.87 6.57
N LYS B 68 1.45 -7.01 5.56
CA LYS B 68 0.61 -5.83 5.68
C LYS B 68 -0.82 -6.24 6.05
N LYS B 69 -1.31 -7.27 5.36
CA LYS B 69 -2.67 -7.78 5.55
C LYS B 69 -2.84 -8.53 6.86
N GLU B 70 -1.84 -9.34 7.24
CA GLU B 70 -1.94 -10.19 8.43
C GLU B 70 -1.82 -9.43 9.74
N SER B 71 -0.81 -8.56 9.83
CA SER B 71 -0.44 -7.93 11.08
C SER B 71 -0.17 -6.44 10.98
N TYR B 72 -0.33 -5.90 9.77
CA TYR B 72 0.11 -4.54 9.44
C TYR B 72 1.53 -4.28 9.95
N PHE B 73 2.46 -5.13 9.53
CA PHE B 73 3.89 -5.03 9.91
C PHE B 73 4.14 -5.13 11.41
N GLY B 74 3.19 -5.71 12.14
CA GLY B 74 3.30 -5.88 13.59
C GLY B 74 2.54 -4.85 14.40
N ASP B 75 2.02 -3.83 13.72
CA ASP B 75 1.35 -2.71 14.41
C ASP B 75 -0.17 -2.80 14.47
N GLY B 76 -0.74 -3.78 13.78
CA GLY B 76 -2.20 -3.91 13.71
C GLY B 76 -2.79 -5.08 14.48
N LEU B 77 -2.11 -5.52 15.54
CA LEU B 77 -2.51 -6.71 16.30
C LEU B 77 -3.13 -6.45 17.67
N SER B 78 -3.17 -5.19 18.11
CA SER B 78 -3.68 -4.83 19.45
C SER B 78 -5.11 -5.26 19.67
N GLY B 79 -5.35 -5.92 20.80
CA GLY B 79 -6.68 -6.34 21.20
C GLY B 79 -7.20 -7.57 20.46
N SER B 80 -6.34 -8.21 19.68
CA SER B 80 -6.72 -9.42 18.93
C SER B 80 -6.38 -10.68 19.71
N PRO B 81 -7.27 -11.70 19.64
CA PRO B 81 -6.99 -13.00 20.26
C PRO B 81 -5.80 -13.74 19.62
N SER B 82 -5.42 -13.33 18.40
CA SER B 82 -4.32 -13.97 17.68
C SER B 82 -3.05 -13.12 17.63
N ALA B 83 -3.01 -12.06 18.45
CA ALA B 83 -1.86 -11.15 18.53
C ALA B 83 -0.52 -11.86 18.66
N GLY B 84 -0.47 -12.89 19.51
CA GLY B 84 0.76 -13.63 19.77
C GLY B 84 1.26 -14.50 18.62
N ASP B 85 0.49 -14.57 17.54
CA ASP B 85 0.84 -15.37 16.37
C ASP B 85 1.82 -14.69 15.43
N GLY B 86 2.15 -13.44 15.70
CA GLY B 86 3.26 -12.77 15.02
C GLY B 86 2.96 -12.21 13.66
N LEU B 87 4.04 -11.86 12.95
CA LEU B 87 3.98 -11.08 11.71
C LEU B 87 3.14 -11.67 10.57
N MET B 88 3.14 -12.99 10.44
CA MET B 88 2.38 -13.63 9.38
C MET B 88 1.18 -14.42 9.93
N GLN B 89 0.92 -14.22 11.21
CA GLN B 89 -0.27 -14.75 11.90
C GLN B 89 -0.46 -16.27 11.73
N VAL B 90 0.63 -17.01 11.72
CA VAL B 90 0.56 -18.46 11.65
C VAL B 90 0.13 -18.98 13.03
N GLN B 91 -1.05 -19.61 13.07
CA GLN B 91 -1.62 -20.09 14.34
C GLN B 91 -0.76 -21.21 14.95
N PRO B 92 -0.85 -21.40 16.29
CA PRO B 92 0.09 -22.29 16.99
C PRO B 92 0.16 -23.71 16.45
N ASN B 93 -0.98 -24.29 16.11
CA ASN B 93 -1.03 -25.68 15.63
C ASN B 93 -0.45 -25.86 14.24
N THR B 94 -0.60 -24.83 13.42
CA THR B 94 0.03 -24.79 12.10
C THR B 94 1.56 -24.69 12.25
N ARG B 95 2.02 -23.82 13.15
CA ARG B 95 3.45 -23.70 13.44
C ARG B 95 4.00 -25.06 13.89
N ASN B 96 3.32 -25.67 14.86
CA ASN B 96 3.71 -27.00 15.37
C ASN B 96 3.84 -28.03 14.26
N ALA B 97 2.86 -28.04 13.36
CA ALA B 97 2.80 -29.01 12.27
C ALA B 97 3.94 -28.84 11.25
N TYR B 98 4.46 -27.63 11.13
CA TYR B 98 5.51 -27.32 10.16
C TYR B 98 6.94 -27.24 10.74
N LEU B 99 7.09 -27.63 12.00
CA LEU B 99 8.37 -27.50 12.72
C LEU B 99 9.53 -28.24 12.06
N SER B 100 9.32 -29.50 11.68
CA SER B 100 10.43 -30.27 11.11
C SER B 100 10.74 -29.84 9.67
N GLN B 101 9.72 -29.40 8.94
CA GLN B 101 9.94 -28.79 7.62
C GLN B 101 10.69 -27.45 7.71
N PHE B 102 10.40 -26.66 8.73
CA PHE B 102 11.13 -25.43 8.98
C PHE B 102 12.60 -25.74 9.26
N SER B 103 12.81 -26.74 10.10
CA SER B 103 14.14 -27.17 10.47
C SER B 103 14.93 -27.64 9.24
N ALA B 104 14.28 -28.43 8.39
CA ALA B 104 14.93 -28.96 7.19
C ALA B 104 15.25 -27.87 6.15
N LYS B 105 14.37 -26.87 6.03
CA LYS B 105 14.57 -25.80 5.06
C LYS B 105 15.62 -24.77 5.49
N TYR B 106 15.57 -24.38 6.77
CA TYR B 106 16.39 -23.26 7.24
C TYR B 106 17.61 -23.61 8.08
N GLY B 107 17.68 -24.85 8.56
CA GLY B 107 18.87 -25.31 9.28
C GLY B 107 18.94 -24.97 10.76
N HIS B 108 17.89 -24.38 11.29
CA HIS B 108 17.75 -24.24 12.74
C HIS B 108 16.30 -24.43 13.16
N ALA B 109 16.11 -24.75 14.44
CA ALA B 109 14.77 -24.91 15.00
C ALA B 109 14.03 -23.56 15.00
N TYR B 110 12.74 -23.63 14.72
CA TYR B 110 11.90 -22.44 14.73
C TYR B 110 11.89 -21.77 16.10
N ASN B 111 12.17 -20.47 16.10
CA ASN B 111 12.08 -19.66 17.31
C ASN B 111 10.99 -18.62 17.10
N HIS B 112 9.86 -18.79 17.77
CA HIS B 112 8.72 -17.89 17.57
C HIS B 112 9.01 -16.44 17.99
N SER B 113 9.97 -16.25 18.90
CA SER B 113 10.32 -14.91 19.36
C SER B 113 11.18 -14.15 18.33
N SER B 114 11.70 -14.88 17.34
CA SER B 114 12.45 -14.26 16.26
C SER B 114 11.51 -13.87 15.14
N GLU B 115 11.44 -12.57 14.84
CA GLU B 115 10.59 -12.07 13.77
C GLU B 115 11.04 -12.58 12.40
N GLN B 116 12.36 -12.78 12.24
CA GLN B 116 12.89 -13.39 11.01
C GLN B 116 12.35 -14.79 10.83
N ASP B 117 12.36 -15.58 11.91
CA ASP B 117 11.81 -16.94 11.87
C ASP B 117 10.32 -16.93 11.56
N GLN B 118 9.57 -16.05 12.22
CA GLN B 118 8.14 -15.86 11.93
C GLN B 118 7.88 -15.72 10.43
N VAL B 119 8.66 -14.85 9.79
CA VAL B 119 8.53 -14.59 8.35
C VAL B 119 8.95 -15.82 7.53
N TYR B 120 10.05 -16.45 7.93
CA TYR B 120 10.52 -17.70 7.32
C TYR B 120 9.47 -18.81 7.40
N MET B 121 8.80 -18.91 8.54
CA MET B 121 7.78 -19.94 8.73
C MET B 121 6.58 -19.69 7.81
N GLY B 122 6.09 -18.45 7.81
CA GLY B 122 4.97 -18.08 6.93
C GLY B 122 5.32 -18.22 5.46
N SER B 123 6.55 -17.88 5.10
CA SER B 123 7.03 -18.00 3.72
C SER B 123 7.02 -19.46 3.26
N LEU B 124 7.47 -20.35 4.14
CA LEU B 124 7.51 -21.78 3.83
C LEU B 124 6.11 -22.32 3.54
N ILE B 125 5.17 -21.98 4.41
CA ILE B 125 3.80 -22.46 4.28
C ILE B 125 3.17 -21.88 3.01
N LEU B 126 3.31 -20.57 2.80
CA LEU B 126 2.76 -19.92 1.62
C LEU B 126 3.35 -20.49 0.33
N ASN B 127 4.66 -20.70 0.33
CA ASN B 127 5.32 -21.30 -0.84
C ASN B 127 4.75 -22.68 -1.17
N GLU B 128 4.59 -23.50 -0.14
CA GLU B 128 3.99 -24.83 -0.27
C GLU B 128 2.58 -24.77 -0.88
N LYS B 129 1.79 -23.77 -0.48
CA LYS B 129 0.43 -23.61 -1.02
C LYS B 129 0.47 -23.19 -2.49
N ILE B 130 1.36 -22.26 -2.81
CA ILE B 130 1.56 -21.83 -4.20
C ILE B 130 1.95 -22.99 -5.11
N VAL B 131 2.94 -23.77 -4.67
CA VAL B 131 3.42 -24.93 -5.43
C VAL B 131 2.34 -26.03 -5.56
N ARG B 132 1.55 -26.24 -4.50
CA ARG B 132 0.50 -27.26 -4.49
C ARG B 132 -0.70 -26.88 -5.37
N PHE B 133 -1.17 -25.64 -5.22
CA PHE B 133 -2.38 -25.18 -5.90
C PHE B 133 -2.09 -24.47 -7.24
N GLY B 134 -0.81 -24.33 -7.57
CA GLY B 134 -0.38 -23.92 -8.90
C GLY B 134 -0.47 -22.44 -9.25
N SER B 135 -0.84 -21.61 -8.29
CA SER B 135 -0.93 -20.17 -8.53
C SER B 135 -0.72 -19.34 -7.26
N ILE B 136 -0.33 -18.08 -7.45
CA ILE B 136 -0.23 -17.11 -6.36
C ILE B 136 -1.59 -16.96 -5.67
N TYR B 137 -2.64 -16.79 -6.48
CA TYR B 137 -3.98 -16.56 -5.94
C TYR B 137 -4.46 -17.70 -5.05
N SER B 138 -4.34 -18.94 -5.54
CA SER B 138 -4.76 -20.11 -4.76
C SER B 138 -3.86 -20.37 -3.56
N GLY B 139 -2.59 -20.00 -3.70
CA GLY B 139 -1.65 -20.04 -2.58
C GLY B 139 -2.13 -19.17 -1.44
N LEU B 140 -2.51 -17.94 -1.77
CA LEU B 140 -3.01 -16.98 -0.78
C LEU B 140 -4.33 -17.43 -0.16
N LEU B 141 -5.22 -17.96 -1.00
CA LEU B 141 -6.54 -18.40 -0.55
C LEU B 141 -6.40 -19.51 0.50
N HIS B 142 -5.56 -20.51 0.19
CA HIS B 142 -5.37 -21.63 1.09
C HIS B 142 -4.36 -21.38 2.21
N TYR B 143 -3.58 -20.30 2.09
CA TYR B 143 -2.77 -19.85 3.23
C TYR B 143 -3.71 -19.36 4.33
N ASN B 144 -4.62 -18.46 3.96
CA ASN B 144 -5.62 -17.93 4.89
C ASN B 144 -6.66 -18.95 5.33
N GLY B 145 -7.12 -19.80 4.43
CA GLY B 145 -8.27 -20.67 4.71
C GLY B 145 -7.96 -22.13 4.97
N GLY B 146 -6.69 -22.51 4.82
CA GLY B 146 -6.31 -23.93 4.87
C GLY B 146 -6.65 -24.62 3.56
N ASP B 147 -6.29 -25.90 3.46
CA ASP B 147 -6.53 -26.67 2.25
C ASP B 147 -8.01 -27.02 2.05
N TYR B 148 -8.79 -26.96 3.14
CA TYR B 148 -10.18 -27.42 3.10
C TYR B 148 -11.16 -26.30 3.37
N TRP B 149 -10.82 -25.10 2.91
CA TRP B 149 -11.67 -23.93 3.10
C TRP B 149 -12.98 -24.05 2.33
N TYR B 150 -14.02 -23.45 2.88
CA TYR B 150 -15.32 -23.32 2.23
C TYR B 150 -15.95 -22.01 2.70
N PRO B 151 -16.77 -21.36 1.85
CA PRO B 151 -17.46 -20.15 2.29
C PRO B 151 -18.24 -20.41 3.57
N GLY B 152 -17.98 -19.62 4.61
CA GLY B 152 -18.63 -19.82 5.91
C GLY B 152 -17.75 -20.45 6.99
N ALA B 153 -16.59 -20.99 6.59
CA ALA B 153 -15.67 -21.62 7.54
C ALA B 153 -15.11 -20.62 8.56
N THR B 154 -14.81 -21.12 9.76
CA THR B 154 -14.24 -20.32 10.85
C THR B 154 -12.87 -20.88 11.25
N ASP B 155 -12.02 -20.02 11.82
CA ASP B 155 -10.66 -20.41 12.21
C ASP B 155 -10.58 -20.95 13.65
N SER B 156 -9.36 -21.25 14.12
CA SER B 156 -9.17 -21.85 15.44
C SER B 156 -9.55 -20.92 16.60
N TYR B 157 -9.85 -19.66 16.29
CA TYR B 157 -10.33 -18.68 17.25
C TYR B 157 -11.83 -18.42 17.12
N GLY B 158 -12.47 -19.15 16.19
CA GLY B 158 -13.90 -19.01 15.93
C GLY B 158 -14.28 -17.79 15.09
N ARG B 159 -13.31 -17.24 14.36
CA ARG B 159 -13.53 -16.06 13.55
C ARG B 159 -13.80 -16.46 12.10
N PRO B 160 -14.65 -15.69 11.38
CA PRO B 160 -14.92 -15.95 9.97
C PRO B 160 -13.68 -15.83 9.10
N ILE B 161 -13.43 -16.84 8.28
CA ILE B 161 -12.35 -16.81 7.30
C ILE B 161 -12.92 -16.47 5.92
N LEU B 162 -12.57 -15.29 5.41
CA LEU B 162 -12.98 -14.87 4.07
C LEU B 162 -11.82 -15.06 3.10
N ALA B 163 -11.45 -16.32 2.86
CA ALA B 163 -10.25 -16.67 2.12
C ALA B 163 -10.18 -16.09 0.70
N ASP B 164 -11.31 -16.10 -0.01
CA ASP B 164 -11.37 -15.52 -1.35
C ASP B 164 -11.19 -14.00 -1.35
N GLN B 165 -11.78 -13.32 -0.38
CA GLN B 165 -11.62 -11.87 -0.23
C GLN B 165 -10.19 -11.54 0.21
N TYR B 166 -9.64 -12.36 1.10
CA TYR B 166 -8.25 -12.27 1.51
C TYR B 166 -7.33 -12.36 0.29
N ALA B 167 -7.52 -13.40 -0.53
CA ALA B 167 -6.70 -13.62 -1.71
C ALA B 167 -6.82 -12.48 -2.72
N ASN B 168 -8.04 -11.97 -2.90
CA ASN B 168 -8.31 -10.82 -3.77
C ASN B 168 -7.54 -9.57 -3.33
N THR B 169 -7.69 -9.21 -2.05
CA THR B 169 -7.02 -8.04 -1.46
C THR B 169 -5.50 -8.13 -1.52
N VAL B 170 -4.95 -9.28 -1.13
CA VAL B 170 -3.49 -9.45 -1.08
C VAL B 170 -2.89 -9.46 -2.49
N TYR B 171 -3.53 -10.18 -3.41
CA TYR B 171 -3.10 -10.20 -4.80
C TYR B 171 -3.07 -8.79 -5.41
N ALA B 172 -4.11 -8.01 -5.12
CA ALA B 172 -4.20 -6.61 -5.56
C ALA B 172 -3.08 -5.75 -4.98
N GLN B 173 -2.78 -5.97 -3.70
CA GLN B 173 -1.69 -5.26 -3.01
C GLN B 173 -0.32 -5.64 -3.61
N TYR B 174 -0.15 -6.94 -3.86
CA TYR B 174 1.06 -7.48 -4.49
C TYR B 174 1.31 -6.86 -5.87
N LYS B 175 0.25 -6.76 -6.68
CA LYS B 175 0.35 -6.09 -7.99
C LYS B 175 0.65 -4.61 -7.83
N SER B 176 -0.03 -3.98 -6.86
CA SER B 176 0.17 -2.58 -6.51
C SER B 176 1.62 -2.28 -6.11
N TYR B 177 2.29 -3.28 -5.53
CA TYR B 177 3.72 -3.19 -5.20
C TYR B 177 4.63 -3.42 -6.40
N GLY B 178 4.05 -3.87 -7.51
CA GLY B 178 4.81 -4.14 -8.73
C GLY B 178 5.16 -5.61 -8.89
N GLY B 179 4.30 -6.48 -8.38
CA GLY B 179 4.47 -7.93 -8.53
C GLY B 179 4.37 -8.33 -9.99
N ARG B 180 5.32 -9.14 -10.43
CA ARG B 180 5.46 -9.45 -11.86
C ARG B 180 4.64 -10.66 -12.31
N TYR B 181 4.57 -11.68 -11.45
CA TYR B 181 4.09 -12.99 -11.87
C TYR B 181 2.66 -13.32 -11.47
N SER B 182 2.28 -14.59 -11.68
CA SER B 182 0.96 -15.10 -11.36
C SER B 182 1.03 -16.59 -11.06
N VAL C 32 12.64 17.31 -24.96
CA VAL C 32 11.39 16.88 -24.24
C VAL C 32 11.58 15.52 -23.55
N THR C 33 10.78 15.29 -22.51
CA THR C 33 10.91 14.09 -21.69
C THR C 33 9.59 13.30 -21.64
N LYS C 34 9.67 11.98 -21.62
CA LYS C 34 8.49 11.12 -21.49
C LYS C 34 7.85 11.32 -20.12
N PRO C 35 6.55 11.68 -20.10
CA PRO C 35 5.87 11.77 -18.81
C PRO C 35 5.91 10.41 -18.13
N ALA C 36 6.08 10.42 -16.81
CA ALA C 36 6.23 9.19 -16.04
C ALA C 36 5.10 8.19 -16.29
N GLU C 37 3.88 8.71 -16.48
CA GLU C 37 2.68 7.87 -16.64
C GLU C 37 2.45 7.30 -18.05
N VAL C 38 3.18 7.81 -19.03
CA VAL C 38 3.05 7.30 -20.39
C VAL C 38 3.92 6.04 -20.53
N PRO C 39 3.30 4.89 -20.90
CA PRO C 39 4.07 3.66 -21.07
C PRO C 39 5.15 3.82 -22.13
N SER C 40 6.32 3.23 -21.90
CA SER C 40 7.45 3.31 -22.82
C SER C 40 7.09 2.90 -24.25
N ARG C 41 6.28 1.85 -24.36
CA ARG C 41 5.82 1.32 -25.64
C ARG C 41 5.07 2.41 -26.42
N ILE C 42 4.22 3.16 -25.71
CA ILE C 42 3.44 4.23 -26.30
C ILE C 42 4.33 5.41 -26.71
N TRP C 43 5.28 5.75 -25.85
CA TRP C 43 6.23 6.84 -26.11
C TRP C 43 7.01 6.58 -27.40
N THR C 44 7.42 5.33 -27.58
CA THR C 44 8.06 4.88 -28.83
C THR C 44 7.20 5.19 -30.06
N TYR C 45 5.92 4.86 -29.98
CA TYR C 45 5.02 5.03 -31.11
C TYR C 45 4.82 6.50 -31.44
N VAL C 46 4.57 7.30 -30.42
CA VAL C 46 4.28 8.72 -30.60
C VAL C 46 5.53 9.53 -31.00
N MET C 47 6.71 9.11 -30.55
CA MET C 47 7.95 9.79 -30.94
C MET C 47 8.31 9.52 -32.40
N ASN C 48 8.08 8.29 -32.87
CA ASN C 48 8.23 8.00 -34.29
C ASN C 48 7.25 8.83 -35.14
N ALA C 49 6.02 8.99 -34.65
CA ALA C 49 5.03 9.82 -35.32
C ALA C 49 5.45 11.29 -35.32
N ASP C 50 5.94 11.75 -34.17
CA ASP C 50 6.39 13.11 -34.01
C ASP C 50 7.51 13.40 -35.01
N ASN C 51 8.51 12.53 -35.01
CA ASN C 51 9.67 12.68 -35.88
C ASN C 51 9.34 12.61 -37.38
N ALA C 52 8.27 11.89 -37.72
CA ALA C 52 7.81 11.84 -39.11
C ALA C 52 7.37 13.23 -39.60
N TYR C 53 6.94 14.08 -38.67
CA TYR C 53 6.53 15.45 -39.01
C TYR C 53 7.51 16.52 -38.52
N GLY C 54 8.66 16.10 -38.00
CA GLY C 54 9.70 17.01 -37.55
C GLY C 54 9.23 17.97 -36.48
N LYS C 55 8.49 17.46 -35.50
CA LYS C 55 7.84 18.30 -34.50
C LYS C 55 8.63 18.47 -33.18
N GLY C 56 9.86 17.97 -33.15
CA GLY C 56 10.78 18.18 -32.02
C GLY C 56 10.40 17.54 -30.70
N GLY C 57 9.46 16.61 -30.72
CA GLY C 57 9.01 15.95 -29.49
C GLY C 57 7.72 16.54 -28.90
N ASP C 58 7.33 17.72 -29.36
CA ASP C 58 6.13 18.39 -28.84
C ASP C 58 4.83 17.73 -29.27
N PHE C 59 4.73 17.32 -30.54
CA PHE C 59 3.60 16.56 -31.05
C PHE C 59 3.42 15.24 -30.27
N ALA C 60 4.53 14.62 -29.88
CA ALA C 60 4.51 13.39 -29.07
C ALA C 60 3.84 13.59 -27.72
N LEU C 61 4.02 14.78 -27.13
CA LEU C 61 3.33 15.15 -25.90
C LEU C 61 1.82 15.31 -26.13
N LEU C 62 1.46 15.94 -27.25
CA LEU C 62 0.04 16.05 -27.61
C LEU C 62 -0.56 14.66 -27.90
N LEU C 63 0.17 13.85 -28.67
CA LEU C 63 -0.28 12.51 -29.02
C LEU C 63 -0.47 11.61 -27.80
N SER C 64 0.41 11.76 -26.81
CA SER C 64 0.32 11.05 -25.53
C SER C 64 -0.96 11.43 -24.79
N ALA C 65 -1.28 12.73 -24.79
CA ALA C 65 -2.50 13.23 -24.18
C ALA C 65 -3.74 12.68 -24.90
N VAL C 66 -3.70 12.69 -26.23
CA VAL C 66 -4.79 12.14 -27.04
C VAL C 66 -5.03 10.65 -26.76
N ILE C 67 -3.96 9.87 -26.76
CA ILE C 67 -4.05 8.44 -26.55
C ILE C 67 -4.56 8.13 -25.14
N LYS C 68 -4.11 8.91 -24.16
CA LYS C 68 -4.61 8.81 -22.80
C LYS C 68 -6.13 8.95 -22.74
N LYS C 69 -6.65 9.99 -23.39
CA LYS C 69 -8.10 10.24 -23.42
C LYS C 69 -8.86 9.19 -24.22
N GLU C 70 -8.29 8.80 -25.37
CA GLU C 70 -9.00 7.94 -26.33
C GLU C 70 -9.14 6.49 -25.88
N SER C 71 -8.07 5.92 -25.34
CA SER C 71 -8.01 4.48 -25.10
C SER C 71 -7.25 4.11 -23.83
N TYR C 72 -6.89 5.12 -23.04
CA TYR C 72 -5.92 4.98 -21.94
C TYR C 72 -4.79 4.02 -22.31
N PHE C 73 -4.02 4.42 -23.33
CA PHE C 73 -2.86 3.66 -23.81
C PHE C 73 -3.21 2.21 -24.21
N GLY C 74 -4.45 2.02 -24.69
CA GLY C 74 -4.93 0.70 -25.11
C GLY C 74 -5.62 -0.09 -24.01
N ASP C 75 -5.50 0.37 -22.77
CA ASP C 75 -5.99 -0.39 -21.61
C ASP C 75 -7.40 -0.03 -21.14
N GLY C 76 -7.96 1.02 -21.72
CA GLY C 76 -9.27 1.52 -21.28
C GLY C 76 -10.39 1.40 -22.29
N LEU C 77 -10.42 0.31 -23.03
CA LEU C 77 -11.42 0.11 -24.08
C LEU C 77 -12.32 -1.10 -23.82
N SER C 78 -12.16 -1.72 -22.66
CA SER C 78 -12.90 -2.95 -22.33
C SER C 78 -14.40 -2.72 -22.36
N GLY C 79 -15.09 -3.52 -23.18
CA GLY C 79 -16.54 -3.41 -23.33
C GLY C 79 -17.04 -2.24 -24.14
N SER C 80 -16.13 -1.39 -24.62
CA SER C 80 -16.51 -0.25 -25.45
C SER C 80 -16.91 -0.68 -26.86
N PRO C 81 -17.98 -0.08 -27.42
CA PRO C 81 -18.38 -0.39 -28.79
C PRO C 81 -17.31 -0.04 -29.82
N SER C 82 -16.41 0.88 -29.45
CA SER C 82 -15.32 1.30 -30.33
C SER C 82 -13.97 0.67 -29.94
N ALA C 83 -14.02 -0.43 -29.19
CA ALA C 83 -12.81 -1.14 -28.77
C ALA C 83 -11.90 -1.52 -29.94
N GLY C 84 -12.49 -1.79 -31.10
CA GLY C 84 -11.74 -2.20 -32.29
C GLY C 84 -11.10 -1.07 -33.10
N ASP C 85 -11.22 0.16 -32.62
CA ASP C 85 -10.69 1.31 -33.34
C ASP C 85 -9.27 1.69 -32.91
N GLY C 86 -8.68 0.89 -32.03
CA GLY C 86 -7.27 1.04 -31.66
C GLY C 86 -6.92 2.25 -30.80
N LEU C 87 -5.63 2.54 -30.70
CA LEU C 87 -5.11 3.51 -29.74
C LEU C 87 -5.65 4.92 -29.87
N MET C 88 -5.89 5.36 -31.10
CA MET C 88 -6.33 6.73 -31.37
C MET C 88 -7.76 6.80 -31.89
N GLN C 89 -8.46 5.67 -31.82
CA GLN C 89 -9.91 5.59 -32.00
C GLN C 89 -10.43 6.16 -33.32
N VAL C 90 -9.73 5.83 -34.40
CA VAL C 90 -10.12 6.19 -35.75
C VAL C 90 -11.10 5.14 -36.27
N GLN C 91 -12.30 5.58 -36.64
CA GLN C 91 -13.36 4.70 -37.12
C GLN C 91 -12.98 3.99 -38.43
N PRO C 92 -13.59 2.80 -38.70
CA PRO C 92 -13.25 2.03 -39.89
C PRO C 92 -13.35 2.83 -41.19
N ASN C 93 -14.43 3.60 -41.34
CA ASN C 93 -14.67 4.41 -42.54
C ASN C 93 -13.60 5.45 -42.79
N THR C 94 -13.12 6.06 -41.70
CA THR C 94 -12.09 7.09 -41.75
C THR C 94 -10.71 6.50 -42.05
N ARG C 95 -10.37 5.40 -41.38
CA ARG C 95 -9.12 4.67 -41.66
C ARG C 95 -9.04 4.37 -43.15
N ASN C 96 -10.14 3.84 -43.68
CA ASN C 96 -10.26 3.47 -45.09
C ASN C 96 -10.07 4.65 -46.04
N ALA C 97 -10.66 5.79 -45.69
CA ALA C 97 -10.58 7.01 -46.49
C ALA C 97 -9.16 7.59 -46.59
N TYR C 98 -8.36 7.35 -45.56
CA TYR C 98 -7.02 7.92 -45.47
C TYR C 98 -5.91 6.98 -45.91
N LEU C 99 -6.29 5.83 -46.47
CA LEU C 99 -5.34 4.77 -46.81
C LEU C 99 -4.23 5.20 -47.78
N SER C 100 -4.61 5.92 -48.83
CA SER C 100 -3.63 6.34 -49.84
C SER C 100 -2.71 7.43 -49.30
N GLN C 101 -3.26 8.32 -48.48
CA GLN C 101 -2.49 9.38 -47.83
C GLN C 101 -1.44 8.79 -46.89
N PHE C 102 -1.85 7.77 -46.11
CA PHE C 102 -0.95 7.04 -45.21
C PHE C 102 0.18 6.38 -46.00
N SER C 103 -0.21 5.66 -47.04
CA SER C 103 0.72 4.97 -47.93
C SER C 103 1.78 5.92 -48.49
N ALA C 104 1.32 7.06 -49.00
CA ALA C 104 2.17 8.09 -49.58
C ALA C 104 3.11 8.72 -48.56
N LYS C 105 2.60 8.94 -47.34
CA LYS C 105 3.36 9.58 -46.27
C LYS C 105 4.38 8.66 -45.61
N TYR C 106 3.98 7.43 -45.31
CA TYR C 106 4.82 6.54 -44.49
C TYR C 106 5.63 5.50 -45.28
N GLY C 107 5.16 5.13 -46.47
CA GLY C 107 5.90 4.24 -47.35
C GLY C 107 5.31 2.85 -47.50
N HIS C 108 4.54 2.44 -46.51
CA HIS C 108 3.88 1.13 -46.53
C HIS C 108 2.37 1.29 -46.35
N ALA C 109 1.63 0.23 -46.68
CA ALA C 109 0.18 0.22 -46.51
C ALA C 109 -0.19 0.16 -45.03
N TYR C 110 -1.35 0.70 -44.69
CA TYR C 110 -1.80 0.75 -43.30
C TYR C 110 -2.17 -0.63 -42.76
N ASN C 111 -1.53 -1.01 -41.66
CA ASN C 111 -1.83 -2.25 -40.97
C ASN C 111 -2.50 -1.98 -39.63
N HIS C 112 -3.82 -2.16 -39.58
CA HIS C 112 -4.60 -1.85 -38.38
C HIS C 112 -4.25 -2.74 -37.18
N SER C 113 -3.63 -3.88 -37.44
CA SER C 113 -3.15 -4.77 -36.38
C SER C 113 -1.90 -4.25 -35.68
N SER C 114 -1.20 -3.31 -36.31
CA SER C 114 0.00 -2.73 -35.71
C SER C 114 -0.33 -1.46 -34.91
N GLU C 115 -0.04 -1.50 -33.61
CA GLU C 115 -0.28 -0.35 -32.74
C GLU C 115 0.48 0.89 -33.23
N GLN C 116 1.68 0.66 -33.75
CA GLN C 116 2.50 1.75 -34.32
C GLN C 116 1.83 2.40 -35.53
N ASP C 117 1.27 1.58 -36.42
CA ASP C 117 0.52 2.09 -37.57
C ASP C 117 -0.73 2.85 -37.13
N GLN C 118 -1.42 2.34 -36.11
CA GLN C 118 -2.60 3.03 -35.54
C GLN C 118 -2.25 4.46 -35.14
N VAL C 119 -1.11 4.62 -34.47
CA VAL C 119 -0.59 5.93 -34.06
C VAL C 119 -0.23 6.79 -35.28
N TYR C 120 0.52 6.22 -36.22
CA TYR C 120 0.86 6.89 -37.49
C TYR C 120 -0.39 7.41 -38.20
N MET C 121 -1.44 6.58 -38.25
CA MET C 121 -2.70 6.94 -38.89
C MET C 121 -3.41 8.07 -38.14
N GLY C 122 -3.59 7.90 -36.83
CA GLY C 122 -4.21 8.94 -36.00
C GLY C 122 -3.45 10.26 -36.06
N SER C 123 -2.12 10.18 -35.98
CA SER C 123 -1.24 11.34 -36.05
C SER C 123 -1.38 12.10 -37.36
N LEU C 124 -1.40 11.35 -38.47
CA LEU C 124 -1.58 11.94 -39.79
C LEU C 124 -2.90 12.72 -39.84
N ILE C 125 -3.96 12.12 -39.29
CA ILE C 125 -5.30 12.74 -39.28
C ILE C 125 -5.34 13.99 -38.39
N LEU C 126 -4.79 13.89 -37.18
CA LEU C 126 -4.74 15.02 -36.25
C LEU C 126 -3.87 16.16 -36.81
N ASN C 127 -2.71 15.82 -37.37
CA ASN C 127 -1.85 16.83 -37.98
C ASN C 127 -2.59 17.57 -39.07
N GLU C 128 -3.27 16.83 -39.93
CA GLU C 128 -4.10 17.39 -40.99
C GLU C 128 -5.15 18.35 -40.44
N LYS C 129 -5.83 17.98 -39.36
CA LYS C 129 -6.81 18.88 -38.71
C LYS C 129 -6.16 20.15 -38.17
N ILE C 130 -4.98 20.01 -37.56
CA ILE C 130 -4.28 21.16 -36.97
C ILE C 130 -3.83 22.13 -38.06
N VAL C 131 -3.34 21.59 -39.18
CA VAL C 131 -2.93 22.43 -40.31
C VAL C 131 -4.13 23.13 -40.97
N ARG C 132 -5.21 22.39 -41.23
CA ARG C 132 -6.37 22.94 -41.95
C ARG C 132 -7.18 23.93 -41.13
N PHE C 133 -7.36 23.65 -39.83
CA PHE C 133 -8.14 24.52 -38.97
C PHE C 133 -7.31 25.61 -38.27
N GLY C 134 -5.98 25.48 -38.36
CA GLY C 134 -5.07 26.57 -38.00
C GLY C 134 -4.55 26.63 -36.57
N SER C 135 -4.95 25.68 -35.74
CA SER C 135 -4.56 25.66 -34.33
C SER C 135 -4.69 24.27 -33.71
N ILE C 136 -4.03 24.08 -32.57
CA ILE C 136 -4.09 22.82 -31.83
C ILE C 136 -5.49 22.58 -31.27
N TYR C 137 -6.07 23.60 -30.65
CA TYR C 137 -7.40 23.47 -30.05
C TYR C 137 -8.46 23.06 -31.07
N SER C 138 -8.53 23.79 -32.18
CA SER C 138 -9.52 23.52 -33.22
C SER C 138 -9.27 22.17 -33.91
N GLY C 139 -7.99 21.82 -34.07
CA GLY C 139 -7.61 20.51 -34.57
C GLY C 139 -8.12 19.39 -33.68
N LEU C 140 -7.98 19.57 -32.36
CA LEU C 140 -8.48 18.60 -31.37
C LEU C 140 -9.99 18.47 -31.39
N LEU C 141 -10.66 19.62 -31.43
CA LEU C 141 -12.11 19.69 -31.48
C LEU C 141 -12.63 18.89 -32.67
N HIS C 142 -12.05 19.17 -33.84
CA HIS C 142 -12.50 18.52 -35.06
C HIS C 142 -11.96 17.10 -35.23
N TYR C 143 -10.85 16.78 -34.56
CA TYR C 143 -10.39 15.39 -34.51
C TYR C 143 -11.41 14.51 -33.76
N ASN C 144 -11.91 15.00 -32.63
CA ASN C 144 -12.90 14.23 -31.88
C ASN C 144 -14.27 14.27 -32.53
N GLY C 145 -14.70 15.46 -32.95
CA GLY C 145 -16.04 15.65 -33.48
C GLY C 145 -16.21 15.32 -34.95
N GLY C 146 -15.11 15.28 -35.68
CA GLY C 146 -15.15 15.23 -37.14
C GLY C 146 -15.33 16.63 -37.68
N ASP C 147 -15.07 16.82 -38.96
CA ASP C 147 -15.20 18.14 -39.59
C ASP C 147 -16.63 18.67 -39.51
N TYR C 148 -17.60 17.74 -39.46
CA TYR C 148 -19.03 18.07 -39.51
C TYR C 148 -19.69 18.10 -38.12
N TRP C 149 -18.89 18.28 -37.06
CA TRP C 149 -19.43 18.32 -35.70
C TRP C 149 -20.31 19.53 -35.45
N TYR C 150 -21.29 19.35 -34.55
CA TYR C 150 -22.13 20.42 -34.02
C TYR C 150 -22.51 20.01 -32.59
N PRO C 151 -22.85 20.98 -31.72
CA PRO C 151 -23.27 20.60 -30.38
C PRO C 151 -24.49 19.66 -30.41
N GLY C 152 -24.35 18.51 -29.75
CA GLY C 152 -25.44 17.53 -29.71
C GLY C 152 -25.30 16.41 -30.72
N ALA C 153 -24.28 16.50 -31.58
CA ALA C 153 -24.02 15.44 -32.57
C ALA C 153 -23.68 14.11 -31.91
N THR C 154 -23.90 13.02 -32.65
CA THR C 154 -23.59 11.67 -32.15
C THR C 154 -22.69 10.96 -33.14
N ASP C 155 -21.86 10.04 -32.64
CA ASP C 155 -20.92 9.31 -33.50
C ASP C 155 -21.58 8.08 -34.15
N SER C 156 -20.77 7.30 -34.86
CA SER C 156 -21.29 6.13 -35.59
C SER C 156 -21.78 5.00 -34.68
N TYR C 157 -21.47 5.11 -33.39
CA TYR C 157 -21.99 4.17 -32.39
C TYR C 157 -23.14 4.79 -31.60
N GLY C 158 -23.62 5.93 -32.09
CA GLY C 158 -24.75 6.64 -31.47
C GLY C 158 -24.45 7.36 -30.16
N ARG C 159 -23.17 7.49 -29.83
CA ARG C 159 -22.76 8.16 -28.58
C ARG C 159 -22.63 9.67 -28.79
N PRO C 160 -23.03 10.47 -27.77
CA PRO C 160 -22.86 11.92 -27.85
C PRO C 160 -21.39 12.30 -27.98
N ILE C 161 -21.10 13.26 -28.86
CA ILE C 161 -19.72 13.75 -29.04
C ILE C 161 -19.62 15.10 -28.38
N LEU C 162 -18.81 15.18 -27.32
CA LEU C 162 -18.61 16.43 -26.59
C LEU C 162 -17.26 17.03 -27.01
N ALA C 163 -17.21 17.49 -28.25
CA ALA C 163 -15.95 17.91 -28.90
C ALA C 163 -15.22 19.06 -28.21
N ASP C 164 -15.98 20.01 -27.67
CA ASP C 164 -15.40 21.12 -26.91
C ASP C 164 -14.79 20.64 -25.60
N GLN C 165 -15.49 19.74 -24.91
CA GLN C 165 -14.98 19.14 -23.68
C GLN C 165 -13.69 18.37 -23.93
N TYR C 166 -13.69 17.58 -25.01
CA TYR C 166 -12.52 16.82 -25.43
C TYR C 166 -11.34 17.76 -25.69
N ALA C 167 -11.55 18.78 -26.52
CA ALA C 167 -10.49 19.73 -26.84
C ALA C 167 -9.92 20.38 -25.57
N ASN C 168 -10.81 20.79 -24.66
CA ASN C 168 -10.42 21.39 -23.39
C ASN C 168 -9.53 20.48 -22.54
N THR C 169 -9.96 19.23 -22.36
CA THR C 169 -9.26 18.31 -21.46
C THR C 169 -7.97 17.76 -22.08
N VAL C 170 -7.99 17.50 -23.38
CA VAL C 170 -6.78 17.05 -24.05
C VAL C 170 -5.76 18.19 -24.12
N TYR C 171 -6.21 19.41 -24.40
CA TYR C 171 -5.30 20.55 -24.38
C TYR C 171 -4.68 20.73 -23.00
N ALA C 172 -5.50 20.63 -21.96
CA ALA C 172 -5.03 20.80 -20.59
C ALA C 172 -4.03 19.70 -20.23
N GLN C 173 -4.28 18.48 -20.71
CA GLN C 173 -3.38 17.35 -20.49
C GLN C 173 -2.06 17.55 -21.23
N TYR C 174 -2.14 17.99 -22.49
CA TYR C 174 -0.97 18.34 -23.28
C TYR C 174 -0.09 19.37 -22.56
N LYS C 175 -0.71 20.41 -22.01
CA LYS C 175 -0.01 21.45 -21.24
C LYS C 175 0.67 20.89 -20.00
N SER C 176 -0.08 20.09 -19.25
CA SER C 176 0.41 19.42 -18.07
C SER C 176 1.67 18.57 -18.39
N TYR C 177 1.66 17.94 -19.55
CA TYR C 177 2.80 17.16 -20.04
C TYR C 177 4.00 18.01 -20.45
N GLY C 178 3.83 19.33 -20.50
CA GLY C 178 4.91 20.23 -20.88
C GLY C 178 4.83 20.74 -22.30
N GLY C 179 3.63 20.66 -22.89
CA GLY C 179 3.37 21.22 -24.22
C GLY C 179 3.65 22.71 -24.26
N ARG C 180 4.17 23.18 -25.38
CA ARG C 180 4.64 24.57 -25.47
C ARG C 180 4.19 25.37 -26.69
N TYR C 181 3.17 24.88 -27.40
CA TYR C 181 2.64 25.59 -28.57
C TYR C 181 1.12 25.72 -28.60
N SER C 182 0.61 26.38 -29.64
CA SER C 182 -0.83 26.58 -29.83
C SER C 182 -1.20 26.46 -31.31
N THR D 31 24.92 13.79 20.64
CA THR D 31 24.37 12.64 21.43
C THR D 31 25.09 11.33 21.08
N VAL D 32 24.43 10.19 21.28
CA VAL D 32 25.11 8.90 21.21
C VAL D 32 25.05 8.23 19.84
N THR D 33 26.05 7.39 19.56
CA THR D 33 26.17 6.72 18.28
C THR D 33 25.91 5.23 18.44
N LYS D 34 25.16 4.66 17.49
CA LYS D 34 25.03 3.21 17.40
C LYS D 34 26.41 2.60 17.26
N PRO D 35 26.75 1.67 18.17
CA PRO D 35 27.98 0.88 17.98
C PRO D 35 27.88 0.08 16.69
N ALA D 36 28.99 0.03 15.94
CA ALA D 36 29.03 -0.62 14.63
C ALA D 36 28.44 -2.03 14.61
N GLU D 37 28.76 -2.84 15.63
CA GLU D 37 28.36 -4.26 15.64
C GLU D 37 26.88 -4.51 15.97
N VAL D 38 26.18 -3.50 16.48
CA VAL D 38 24.75 -3.64 16.82
C VAL D 38 23.90 -3.49 15.56
N PRO D 39 23.09 -4.52 15.22
CA PRO D 39 22.25 -4.42 14.03
C PRO D 39 21.28 -3.24 14.12
N SER D 40 20.98 -2.62 12.98
CA SER D 40 20.09 -1.45 12.92
C SER D 40 18.72 -1.67 13.58
N ARG D 41 18.10 -2.81 13.33
CA ARG D 41 16.77 -3.09 13.91
C ARG D 41 16.81 -3.10 15.43
N ILE D 42 17.91 -3.61 16.01
CA ILE D 42 18.09 -3.68 17.45
C ILE D 42 18.28 -2.26 18.01
N TRP D 43 19.15 -1.48 17.38
CA TRP D 43 19.35 -0.09 17.77
C TRP D 43 18.05 0.72 17.84
N THR D 44 17.15 0.49 16.90
CA THR D 44 15.84 1.15 16.92
C THR D 44 15.02 0.71 18.13
N TYR D 45 14.98 -0.59 18.42
CA TYR D 45 14.27 -1.09 19.60
C TYR D 45 14.79 -0.43 20.89
N VAL D 46 16.11 -0.41 21.06
CA VAL D 46 16.70 0.07 22.30
C VAL D 46 16.65 1.60 22.44
N MET D 47 16.70 2.31 21.32
CA MET D 47 16.52 3.77 21.34
C MET D 47 15.08 4.12 21.71
N ASN D 48 14.12 3.34 21.22
CA ASN D 48 12.73 3.47 21.62
C ASN D 48 12.54 3.24 23.12
N ALA D 49 13.15 2.19 23.64
CA ALA D 49 13.14 1.92 25.08
C ALA D 49 13.79 3.08 25.84
N ASP D 50 14.94 3.53 25.33
CA ASP D 50 15.68 4.64 25.94
C ASP D 50 14.80 5.91 25.99
N ASN D 51 14.15 6.23 24.87
CA ASN D 51 13.20 7.34 24.80
C ASN D 51 12.12 7.24 25.88
N ALA D 52 11.51 6.06 25.99
CA ALA D 52 10.43 5.82 26.98
C ALA D 52 10.86 6.09 28.42
N TYR D 53 12.17 6.06 28.68
CA TYR D 53 12.70 6.36 30.00
C TYR D 53 13.51 7.68 30.05
N GLY D 54 13.51 8.43 28.95
CA GLY D 54 14.22 9.70 28.85
C GLY D 54 15.69 9.67 29.28
N LYS D 55 16.46 8.73 28.75
CA LYS D 55 17.83 8.51 29.21
C LYS D 55 18.92 9.05 28.29
N GLY D 56 18.53 9.85 27.30
CA GLY D 56 19.47 10.52 26.40
C GLY D 56 20.38 9.62 25.60
N GLY D 57 19.92 8.41 25.30
CA GLY D 57 20.70 7.47 24.48
C GLY D 57 21.64 6.55 25.23
N ASP D 58 21.89 6.85 26.51
CA ASP D 58 22.83 6.06 27.30
C ASP D 58 22.27 4.70 27.72
N PHE D 59 20.97 4.65 28.04
CA PHE D 59 20.31 3.38 28.40
C PHE D 59 20.34 2.44 27.19
N ALA D 60 20.19 3.00 26.00
CA ALA D 60 20.30 2.25 24.74
C ALA D 60 21.63 1.51 24.60
N LEU D 61 22.71 2.14 25.03
CA LEU D 61 24.04 1.51 24.99
C LEU D 61 24.12 0.35 25.96
N LEU D 62 23.53 0.51 27.15
CA LEU D 62 23.48 -0.57 28.14
C LEU D 62 22.64 -1.74 27.65
N LEU D 63 21.47 -1.42 27.10
CA LEU D 63 20.57 -2.45 26.57
C LEU D 63 21.20 -3.23 25.42
N SER D 64 21.94 -2.53 24.57
CA SER D 64 22.70 -3.18 23.48
C SER D 64 23.68 -4.21 24.04
N ALA D 65 24.34 -3.85 25.13
CA ALA D 65 25.30 -4.75 25.80
C ALA D 65 24.58 -5.94 26.43
N VAL D 66 23.40 -5.70 27.02
CA VAL D 66 22.60 -6.78 27.59
C VAL D 66 22.13 -7.74 26.50
N ILE D 67 21.61 -7.20 25.40
CA ILE D 67 21.12 -8.01 24.29
C ILE D 67 22.25 -8.83 23.64
N LYS D 68 23.42 -8.21 23.50
CA LYS D 68 24.60 -8.93 23.03
C LYS D 68 24.88 -10.18 23.89
N LYS D 69 24.87 -9.99 25.21
CA LYS D 69 25.14 -11.09 26.14
C LYS D 69 24.00 -12.12 26.17
N GLU D 70 22.76 -11.64 26.19
CA GLU D 70 21.61 -12.52 26.36
C GLU D 70 21.31 -13.42 25.15
N SER D 71 21.32 -12.85 23.95
CA SER D 71 20.82 -13.54 22.77
C SER D 71 21.71 -13.33 21.54
N TYR D 72 22.83 -12.63 21.74
CA TYR D 72 23.66 -12.12 20.65
C TYR D 72 22.83 -11.50 19.52
N PHE D 73 21.97 -10.57 19.90
CA PHE D 73 21.08 -9.83 18.98
C PHE D 73 20.06 -10.72 18.26
N GLY D 74 19.82 -11.90 18.81
CA GLY D 74 18.86 -12.86 18.23
C GLY D 74 19.51 -13.99 17.47
N ASP D 75 20.81 -13.85 17.19
CA ASP D 75 21.57 -14.81 16.39
C ASP D 75 22.34 -15.84 17.23
N GLY D 76 22.29 -15.70 18.56
CA GLY D 76 23.04 -16.60 19.44
C GLY D 76 22.19 -17.57 20.24
N LEU D 77 20.96 -17.80 19.79
CA LEU D 77 20.00 -18.60 20.57
C LEU D 77 19.79 -20.03 20.07
N SER D 78 20.30 -20.35 18.88
CA SER D 78 20.25 -21.72 18.36
C SER D 78 20.97 -22.67 19.32
N GLY D 79 20.26 -23.73 19.72
CA GLY D 79 20.82 -24.70 20.65
C GLY D 79 20.54 -24.42 22.11
N SER D 80 20.04 -23.22 22.41
CA SER D 80 19.72 -22.85 23.79
C SER D 80 18.35 -23.38 24.22
N PRO D 81 18.27 -23.96 25.43
CA PRO D 81 16.99 -24.43 25.96
C PRO D 81 15.99 -23.29 26.23
N SER D 82 16.48 -22.05 26.32
CA SER D 82 15.63 -20.89 26.56
C SER D 82 15.55 -19.96 25.35
N ALA D 83 15.79 -20.50 24.16
CA ALA D 83 15.78 -19.71 22.92
C ALA D 83 14.46 -18.95 22.74
N GLY D 84 13.34 -19.61 23.03
CA GLY D 84 12.02 -19.02 22.90
C GLY D 84 11.76 -17.79 23.76
N ASP D 85 12.65 -17.50 24.69
CA ASP D 85 12.47 -16.35 25.60
C ASP D 85 12.86 -15.01 24.97
N GLY D 86 13.45 -15.05 23.78
CA GLY D 86 13.68 -13.84 23.01
C GLY D 86 14.92 -13.02 23.32
N LEU D 87 14.89 -11.75 22.89
CA LEU D 87 16.09 -10.91 22.82
C LEU D 87 16.75 -10.63 24.16
N MET D 88 15.95 -10.46 25.20
CA MET D 88 16.47 -10.15 26.53
C MET D 88 16.28 -11.29 27.52
N GLN D 89 15.86 -12.45 27.00
CA GLN D 89 15.80 -13.72 27.76
C GLN D 89 14.95 -13.66 29.03
N VAL D 90 13.83 -12.94 28.95
CA VAL D 90 12.89 -12.87 30.06
C VAL D 90 12.03 -14.13 30.05
N GLN D 91 12.04 -14.86 31.17
CA GLN D 91 11.32 -16.13 31.29
C GLN D 91 9.80 -15.91 31.28
N PRO D 92 9.04 -16.94 30.85
CA PRO D 92 7.57 -16.83 30.77
C PRO D 92 6.89 -16.37 32.07
N ASN D 93 7.27 -16.96 33.20
CA ASN D 93 6.67 -16.58 34.49
C ASN D 93 6.96 -15.12 34.88
N THR D 94 8.17 -14.66 34.56
CA THR D 94 8.57 -13.27 34.77
C THR D 94 7.77 -12.32 33.88
N ARG D 95 7.62 -12.67 32.61
CA ARG D 95 6.83 -11.88 31.67
C ARG D 95 5.39 -11.69 32.15
N ASN D 96 4.74 -12.78 32.56
CA ASN D 96 3.39 -12.69 33.14
C ASN D 96 3.31 -11.77 34.36
N ALA D 97 4.28 -11.90 35.25
CA ALA D 97 4.34 -11.09 36.48
C ALA D 97 4.42 -9.57 36.22
N TYR D 98 4.90 -9.20 35.03
CA TYR D 98 5.11 -7.79 34.68
C TYR D 98 4.12 -7.22 33.65
N LEU D 99 3.18 -8.05 33.20
CA LEU D 99 2.24 -7.65 32.14
C LEU D 99 1.51 -6.32 32.40
N SER D 100 1.02 -6.14 33.62
CA SER D 100 0.26 -4.94 33.97
C SER D 100 1.15 -3.69 34.05
N GLN D 101 2.34 -3.83 34.62
CA GLN D 101 3.34 -2.77 34.63
C GLN D 101 3.74 -2.38 33.21
N PHE D 102 3.90 -3.38 32.33
CA PHE D 102 4.20 -3.16 30.93
C PHE D 102 3.10 -2.33 30.27
N SER D 103 1.86 -2.76 30.50
CA SER D 103 0.69 -2.10 29.94
C SER D 103 0.61 -0.64 30.40
N ALA D 104 0.79 -0.43 31.70
CA ALA D 104 0.79 0.92 32.30
C ALA D 104 1.91 1.82 31.75
N LYS D 105 3.08 1.24 31.51
CA LYS D 105 4.24 2.00 31.03
C LYS D 105 4.14 2.37 29.54
N TYR D 106 3.76 1.41 28.71
CA TYR D 106 3.86 1.56 27.25
C TYR D 106 2.53 1.78 26.53
N GLY D 107 1.41 1.54 27.21
CA GLY D 107 0.08 1.82 26.65
C GLY D 107 -0.51 0.76 25.72
N HIS D 108 0.07 -0.44 25.75
CA HIS D 108 -0.48 -1.59 25.02
C HIS D 108 -0.06 -2.90 25.68
N ALA D 109 -0.78 -3.97 25.39
CA ALA D 109 -0.48 -5.29 25.97
C ALA D 109 0.78 -5.89 25.37
N TYR D 110 1.60 -6.49 26.22
CA TYR D 110 2.83 -7.16 25.78
C TYR D 110 2.52 -8.23 24.75
N ASN D 111 3.21 -8.15 23.61
CA ASN D 111 3.16 -9.19 22.59
C ASN D 111 4.53 -9.82 22.45
N HIS D 112 4.69 -11.05 22.91
CA HIS D 112 5.99 -11.74 22.87
C HIS D 112 6.53 -11.94 21.44
N SER D 113 5.65 -11.92 20.45
CA SER D 113 6.05 -12.11 19.06
C SER D 113 6.68 -10.83 18.49
N SER D 114 6.50 -9.71 19.19
CA SER D 114 7.12 -8.44 18.82
C SER D 114 8.48 -8.27 19.49
N GLU D 115 9.53 -8.19 18.67
CA GLU D 115 10.90 -8.00 19.17
C GLU D 115 11.05 -6.68 19.92
N GLN D 116 10.43 -5.62 19.41
CA GLN D 116 10.34 -4.35 20.13
C GLN D 116 9.75 -4.52 21.55
N ASP D 117 8.65 -5.26 21.66
CA ASP D 117 8.04 -5.54 22.97
C ASP D 117 8.95 -6.35 23.90
N GLN D 118 9.61 -7.36 23.35
CA GLN D 118 10.64 -8.11 24.09
C GLN D 118 11.64 -7.15 24.73
N VAL D 119 12.06 -6.13 23.98
CA VAL D 119 13.04 -5.15 24.44
C VAL D 119 12.43 -4.20 25.48
N TYR D 120 11.23 -3.68 25.17
CA TYR D 120 10.47 -2.87 26.12
C TYR D 120 10.28 -3.59 27.47
N MET D 121 9.93 -4.88 27.42
CA MET D 121 9.75 -5.70 28.62
C MET D 121 11.05 -5.87 29.41
N GLY D 122 12.11 -6.30 28.73
CA GLY D 122 13.41 -6.46 29.36
C GLY D 122 13.95 -5.16 29.95
N SER D 123 13.78 -4.07 29.21
CA SER D 123 14.16 -2.73 29.65
C SER D 123 13.45 -2.29 30.94
N LEU D 124 12.15 -2.56 31.01
CA LEU D 124 11.36 -2.21 32.20
C LEU D 124 11.93 -2.93 33.42
N ILE D 125 12.13 -4.24 33.28
CA ILE D 125 12.64 -5.09 34.34
C ILE D 125 14.07 -4.69 34.76
N LEU D 126 14.94 -4.46 33.78
CA LEU D 126 16.30 -3.99 34.05
C LEU D 126 16.30 -2.63 34.77
N ASN D 127 15.46 -1.70 34.32
CA ASN D 127 15.37 -0.41 34.98
C ASN D 127 14.96 -0.55 36.45
N GLU D 128 14.01 -1.46 36.70
CA GLU D 128 13.54 -1.71 38.05
C GLU D 128 14.67 -2.24 38.96
N LYS D 129 15.50 -3.13 38.41
CA LYS D 129 16.64 -3.68 39.16
C LYS D 129 17.68 -2.62 39.51
N ILE D 130 18.01 -1.77 38.54
CA ILE D 130 18.99 -0.70 38.71
C ILE D 130 18.50 0.30 39.76
N VAL D 131 17.24 0.72 39.65
CA VAL D 131 16.62 1.64 40.59
C VAL D 131 16.58 1.01 41.99
N ARG D 132 16.09 -0.23 42.07
CA ARG D 132 15.93 -0.92 43.34
C ARG D 132 17.26 -1.19 44.04
N PHE D 133 18.28 -1.58 43.27
CA PHE D 133 19.57 -1.92 43.87
C PHE D 133 20.53 -0.72 44.00
N GLY D 134 20.21 0.37 43.32
CA GLY D 134 20.99 1.61 43.42
C GLY D 134 22.22 1.71 42.53
N SER D 135 22.37 0.78 41.58
CA SER D 135 23.48 0.82 40.63
C SER D 135 23.26 -0.04 39.39
N ILE D 136 23.97 0.31 38.33
CA ILE D 136 23.98 -0.46 37.09
C ILE D 136 24.55 -1.86 37.33
N TYR D 137 25.70 -1.94 38.03
CA TYR D 137 26.36 -3.22 38.29
C TYR D 137 25.47 -4.22 39.04
N SER D 138 24.88 -3.79 40.16
CA SER D 138 23.97 -4.67 40.92
C SER D 138 22.68 -4.93 40.15
N GLY D 139 22.19 -3.91 39.43
CA GLY D 139 21.03 -4.09 38.55
C GLY D 139 21.25 -5.20 37.53
N LEU D 140 22.43 -5.23 36.93
CA LEU D 140 22.81 -6.25 35.97
C LEU D 140 22.97 -7.63 36.60
N LEU D 141 23.70 -7.68 37.72
CA LEU D 141 23.89 -8.93 38.46
C LEU D 141 22.55 -9.60 38.73
N HIS D 142 21.59 -8.81 39.21
CA HIS D 142 20.29 -9.34 39.57
C HIS D 142 19.33 -9.46 38.38
N TYR D 143 19.64 -8.78 37.26
CA TYR D 143 18.91 -9.06 36.02
C TYR D 143 19.23 -10.49 35.55
N ASN D 144 20.46 -10.93 35.77
CA ASN D 144 20.86 -12.28 35.39
C ASN D 144 20.45 -13.35 36.41
N GLY D 145 20.72 -13.09 37.69
CA GLY D 145 20.53 -14.12 38.72
C GLY D 145 19.24 -14.07 39.52
N GLY D 146 18.41 -13.06 39.28
CA GLY D 146 17.24 -12.81 40.12
C GLY D 146 17.65 -12.10 41.40
N ASP D 147 16.68 -11.66 42.19
CA ASP D 147 16.97 -10.88 43.41
C ASP D 147 17.59 -11.67 44.54
N TYR D 148 17.59 -13.00 44.44
CA TYR D 148 18.04 -13.85 45.54
C TYR D 148 19.20 -14.76 45.12
N TRP D 149 19.97 -14.31 44.13
CA TRP D 149 21.11 -15.06 43.62
C TRP D 149 22.19 -15.29 44.68
N TYR D 150 22.86 -16.43 44.56
CA TYR D 150 24.03 -16.76 45.35
C TYR D 150 24.99 -17.52 44.45
N PRO D 151 26.31 -17.45 44.72
CA PRO D 151 27.27 -18.23 43.95
C PRO D 151 26.92 -19.72 43.99
N GLY D 152 26.86 -20.35 42.82
CA GLY D 152 26.51 -21.76 42.72
C GLY D 152 25.06 -22.03 42.35
N ALA D 153 24.24 -20.98 42.33
CA ALA D 153 22.83 -21.11 41.92
C ALA D 153 22.71 -21.55 40.46
N THR D 154 21.60 -22.22 40.14
CA THR D 154 21.34 -22.65 38.76
C THR D 154 19.93 -22.26 38.32
N ASP D 155 19.71 -22.10 37.02
CA ASP D 155 18.39 -21.74 36.49
C ASP D 155 17.48 -22.98 36.35
N SER D 156 16.28 -22.78 35.81
CA SER D 156 15.31 -23.87 35.67
C SER D 156 15.79 -24.99 34.74
N TYR D 157 16.76 -24.68 33.88
CA TYR D 157 17.33 -25.66 32.95
C TYR D 157 18.61 -26.33 33.49
N GLY D 158 18.97 -26.00 34.73
CA GLY D 158 20.15 -26.58 35.36
C GLY D 158 21.46 -25.89 35.05
N ARG D 159 21.41 -24.82 34.24
CA ARG D 159 22.61 -24.08 33.84
C ARG D 159 23.14 -23.21 34.99
N PRO D 160 24.47 -23.18 35.18
CA PRO D 160 25.07 -22.33 36.22
C PRO D 160 24.80 -20.84 35.94
N ILE D 161 24.30 -20.12 36.94
CA ILE D 161 24.12 -18.67 36.82
C ILE D 161 25.34 -17.98 37.42
N LEU D 162 26.23 -17.52 36.55
CA LEU D 162 27.46 -16.83 36.97
C LEU D 162 27.21 -15.33 36.97
N ALA D 163 26.34 -14.89 37.88
CA ALA D 163 25.76 -13.54 37.84
C ALA D 163 26.78 -12.41 37.99
N ASP D 164 27.79 -12.61 38.83
CA ASP D 164 28.85 -11.62 38.99
C ASP D 164 29.68 -11.47 37.70
N GLN D 165 29.94 -12.57 36.99
CA GLN D 165 30.68 -12.53 35.73
C GLN D 165 29.88 -11.88 34.61
N TYR D 166 28.58 -12.17 34.59
CA TYR D 166 27.63 -11.52 33.70
C TYR D 166 27.73 -10.01 33.89
N ALA D 167 27.55 -9.55 35.13
CA ALA D 167 27.65 -8.12 35.44
C ALA D 167 28.99 -7.50 35.03
N ASN D 168 30.09 -8.19 35.31
CA ASN D 168 31.43 -7.76 34.89
C ASN D 168 31.50 -7.58 33.38
N THR D 169 31.05 -8.60 32.64
CA THR D 169 31.12 -8.64 31.18
C THR D 169 30.22 -7.59 30.52
N VAL D 170 28.98 -7.50 30.98
CA VAL D 170 28.02 -6.55 30.39
C VAL D 170 28.43 -5.10 30.74
N TYR D 171 28.86 -4.89 31.97
CA TYR D 171 29.33 -3.57 32.43
C TYR D 171 30.52 -3.12 31.57
N ALA D 172 31.51 -4.00 31.41
CA ALA D 172 32.66 -3.74 30.53
C ALA D 172 32.24 -3.43 29.08
N GLN D 173 31.25 -4.16 28.57
CA GLN D 173 30.76 -3.95 27.21
C GLN D 173 30.00 -2.61 27.08
N TYR D 174 29.26 -2.27 28.12
CA TYR D 174 28.60 -0.96 28.20
C TYR D 174 29.63 0.16 28.09
N LYS D 175 30.70 0.05 28.86
CA LYS D 175 31.77 1.05 28.82
C LYS D 175 32.43 1.14 27.44
N SER D 176 32.71 0.00 26.82
CA SER D 176 33.40 0.03 25.53
C SER D 176 32.47 0.52 24.40
N TYR D 177 31.16 0.44 24.64
CA TYR D 177 30.17 1.07 23.77
C TYR D 177 30.11 2.59 23.97
N GLY D 178 30.78 3.08 25.01
CA GLY D 178 30.80 4.52 25.30
C GLY D 178 29.83 4.97 26.38
N GLY D 179 29.37 4.03 27.21
CA GLY D 179 28.46 4.34 28.31
C GLY D 179 29.08 5.30 29.31
N ARG D 180 28.27 6.23 29.83
CA ARG D 180 28.76 7.38 30.61
C ARG D 180 28.75 7.19 32.13
N TYR D 181 27.85 6.34 32.63
CA TYR D 181 27.68 6.15 34.08
C TYR D 181 28.69 5.17 34.65
N SER D 182 29.05 5.38 35.92
CA SER D 182 29.83 4.39 36.65
C SER D 182 28.91 3.57 37.56
N ARG D 183 27.83 4.18 38.05
CA ARG D 183 26.77 3.43 38.74
C ARG D 183 25.38 3.97 38.42
N1 EPE E . -14.88 17.54 -9.13
C2 EPE E . -14.96 18.90 -8.55
C3 EPE E . -16.36 19.11 -8.01
N4 EPE E . -16.81 18.00 -7.19
C5 EPE E . -16.48 16.63 -7.54
C6 EPE E . -15.07 16.49 -8.12
C7 EPE E . -17.99 18.24 -6.38
C8 EPE E . -17.94 17.49 -5.07
O8 EPE E . -17.46 18.32 -4.04
C9 EPE E . -13.59 17.37 -9.78
C10 EPE E . -13.55 18.29 -10.98
S EPE E . -11.86 18.49 -11.60
O1S EPE E . -11.90 19.48 -12.65
O2S EPE E . -11.00 18.92 -10.51
O3S EPE E . -11.40 17.20 -12.11
C TRS F . -3.58 -18.04 8.89
C1 TRS F . -3.15 -17.27 7.71
C2 TRS F . -2.45 -18.94 9.25
C3 TRS F . -4.75 -18.86 8.56
N TRS F . -3.90 -17.10 9.98
O1 TRS F . -4.06 -16.21 7.39
O2 TRS F . -2.72 -19.71 10.45
O3 TRS F . -5.98 -18.12 8.73
N1 EPE G . -12.36 11.11 -36.82
C2 EPE G . -13.50 11.75 -36.11
C3 EPE G . -13.91 10.89 -34.93
N4 EPE G . -12.78 10.53 -34.09
C5 EPE G . -11.51 10.16 -34.71
C6 EPE G . -11.17 11.00 -35.95
C7 EPE G . -13.15 9.91 -32.82
C8 EPE G . -12.03 9.84 -31.79
O8 EPE G . -11.94 11.06 -31.10
C9 EPE G . -12.03 11.89 -38.02
C10 EPE G . -13.15 11.69 -39.04
S EPE G . -13.09 12.92 -40.36
O1S EPE G . -14.08 12.53 -41.37
O2S EPE G . -13.40 14.24 -39.82
O3S EPE G . -11.77 12.94 -40.98
N1 EPE H . 15.06 -12.45 35.08
C2 EPE H . 16.20 -13.32 35.47
C3 EPE H . 16.80 -14.03 34.27
N4 EPE H . 16.99 -13.15 33.12
C5 EPE H . 15.91 -12.23 32.80
C6 EPE H . 15.39 -11.49 34.01
C7 EPE H . 17.73 -13.67 31.98
C8 EPE H . 19.14 -14.13 32.28
O8 EPE H . 19.95 -12.98 32.42
C9 EPE H . 14.59 -11.69 36.24
C10 EPE H . 13.80 -12.61 37.14
S EPE H . 13.11 -11.75 38.57
O1S EPE H . 12.44 -12.77 39.37
O2S EPE H . 14.18 -11.15 39.36
O3S EPE H . 12.17 -10.73 38.14
#